data_3CWZ
#
_entry.id   3CWZ
#
_cell.length_a   100.240
_cell.length_b   100.240
_cell.length_c   299.250
_cell.angle_alpha   90.00
_cell.angle_beta   90.00
_cell.angle_gamma   120.00
#
_symmetry.space_group_name_H-M   'P 61 2 2'
#
loop_
_entity.id
_entity.type
_entity.pdbx_description
1 polymer 'Ras-related protein Rab-6A'
2 polymer 'Rab6-interacting protein 1'
3 non-polymer 'MAGNESIUM ION'
4 non-polymer "GUANOSINE-5'-TRIPHOSPHATE"
5 water water
#
loop_
_entity_poly.entity_id
_entity_poly.type
_entity_poly.pdbx_seq_one_letter_code
_entity_poly.pdbx_strand_id
1 'polypeptide(L)'
;GNPLRKFKLVFLGEQSVGKTSLITRFMYDSFDNTYQATIGIDFLSKTMYLEDRTVRLQLWDTAGLERFRSLIPSYIRDST
VAVVVYDITNVNSFQQTTKWIDDVRTERGSDVIIMLVGNKTDLADKRQVSIEEGERKAKELNVMFIETSAKAGYNVKQLF
RRVAAALPGMESTQDRSREDMIDIKLEK
;
A
2 'polypeptide(L)'
;EHLRLDNDQREKYIQEARNMGSTIRQPKLSNLSPSVIAQTNWKFVEGLLKECRNKTKRMLVEKMGREAVELGHGEVNITG
VEENTLIASLCDLLERIWSHGLQVKQGKSALWSHLLHYQENRQRKLTSGSLSTSGILLDSERRKSDASAVMSPLRISLIQ
DMRHIQNIGEIKTDVGKARAWVRLSMEKKLLSRHLKQLLSDHELTKKLYKRYAFLRCDDEKEQFLYHLLSFNAVDYFCFT
NVFTTILIPYHILIVPSKKLGGSMFTANPWICISGELGETQILQIPRNVLEMTFECQNLGKLTTVQIGHDNSGLYAKWLV
ECVMVRNEVTGHTYKFPCGRWLGKGMDDGSLERVLVGELLTSLPEVDERPCRTPPLQQSPSVIR
;
B
#
loop_
_chem_comp.id
_chem_comp.type
_chem_comp.name
_chem_comp.formula
GTP non-polymer GUANOSINE-5'-TRIPHOSPHATE 'C10 H16 N5 O14 P3'
MG non-polymer 'MAGNESIUM ION' 'Mg 2'
#
# COMPACT_ATOMS: atom_id res chain seq x y z
N ARG A 5 8.15 27.11 12.24
CA ARG A 5 8.67 26.65 10.92
C ARG A 5 9.22 25.22 11.03
N LYS A 6 8.82 24.37 10.07
CA LYS A 6 9.26 22.97 10.03
C LYS A 6 9.99 22.62 8.74
N PHE A 7 10.93 21.69 8.83
CA PHE A 7 11.68 21.26 7.65
C PHE A 7 11.59 19.75 7.48
N LYS A 8 11.26 19.32 6.28
CA LYS A 8 11.13 17.89 5.98
C LYS A 8 12.40 17.32 5.35
N LEU A 9 12.92 16.23 5.89
CA LEU A 9 14.12 15.59 5.34
C LEU A 9 13.83 14.12 5.12
N VAL A 10 13.84 13.72 3.86
CA VAL A 10 13.58 12.32 3.53
C VAL A 10 14.89 11.54 3.35
N PHE A 11 14.93 10.34 3.93
CA PHE A 11 16.11 9.50 3.82
C PHE A 11 15.80 8.29 2.92
N LEU A 12 16.55 8.19 1.81
CA LEU A 12 16.37 7.15 0.79
C LEU A 12 17.64 6.32 0.53
N GLY A 13 17.47 5.04 0.25
CA GLY A 13 18.61 4.17 -0.02
C GLY A 13 18.23 2.72 -0.22
N GLU A 14 19.19 1.88 -0.60
CA GLU A 14 18.92 0.46 -0.80
C GLU A 14 18.81 -0.28 0.52
N GLN A 15 18.25 -1.48 0.45
CA GLN A 15 18.06 -2.30 1.63
C GLN A 15 19.36 -2.53 2.41
N SER A 16 19.42 -1.92 3.61
CA SER A 16 20.57 -2.02 4.53
C SER A 16 21.81 -1.20 4.16
N VAL A 17 21.61 0.00 3.60
CA VAL A 17 22.73 0.88 3.25
C VAL A 17 23.15 1.72 4.44
N GLY A 18 22.21 2.00 5.34
CA GLY A 18 22.52 2.78 6.52
C GLY A 18 21.68 4.03 6.72
N LYS A 19 20.41 3.96 6.35
CA LYS A 19 19.53 5.11 6.50
C LYS A 19 19.15 5.29 7.96
N THR A 20 18.66 4.23 8.60
CA THR A 20 18.24 4.31 9.99
C THR A 20 19.43 4.47 10.95
N SER A 21 20.56 3.88 10.62
CA SER A 21 21.73 3.96 11.51
C SER A 21 22.27 5.36 11.63
N LEU A 22 22.15 6.15 10.57
CA LEU A 22 22.62 7.52 10.59
C LEU A 22 21.72 8.40 11.45
N ILE A 23 20.46 7.99 11.59
CA ILE A 23 19.51 8.75 12.38
C ILE A 23 19.80 8.52 13.85
N THR A 24 20.17 7.29 14.20
CA THR A 24 20.45 6.96 15.58
C THR A 24 21.76 7.64 16.01
N ARG A 25 22.70 7.78 15.08
CA ARG A 25 23.98 8.44 15.37
C ARG A 25 23.75 9.90 15.72
N PHE A 26 22.91 10.57 14.95
CA PHE A 26 22.60 11.97 15.17
C PHE A 26 21.61 12.20 16.31
N MET A 27 20.59 11.34 16.40
CA MET A 27 19.57 11.48 17.44
C MET A 27 20.06 11.24 18.85
N TYR A 28 20.68 10.08 19.08
CA TYR A 28 21.18 9.70 20.41
C TYR A 28 22.68 9.35 20.46
N ASP A 29 23.44 9.95 19.55
CA ASP A 29 24.90 9.74 19.43
C ASP A 29 25.32 8.35 19.88
N SER A 30 24.99 7.36 19.07
CA SER A 30 25.34 6.00 19.37
C SER A 30 25.16 5.20 18.11
N PHE A 31 25.74 3.99 18.09
CA PHE A 31 25.66 3.11 16.94
C PHE A 31 25.32 1.68 17.39
N ASP A 32 24.48 1.01 16.60
CA ASP A 32 24.09 -0.36 16.90
C ASP A 32 24.35 -1.07 15.59
N ASN A 33 25.24 -2.06 15.60
CA ASN A 33 25.51 -2.77 14.37
C ASN A 33 24.53 -3.90 14.06
N THR A 34 23.57 -4.14 14.95
CA THR A 34 22.57 -5.19 14.71
C THR A 34 21.59 -4.62 13.68
N TYR A 35 21.26 -5.37 12.62
CA TYR A 35 20.33 -4.88 11.60
C TYR A 35 18.84 -4.92 11.96
N GLN A 36 18.19 -3.77 11.84
CA GLN A 36 16.78 -3.65 12.11
C GLN A 36 16.11 -3.16 10.83
N ALA A 37 15.17 -3.96 10.31
CA ALA A 37 14.45 -3.65 9.07
C ALA A 37 13.45 -2.51 9.23
N THR A 38 13.50 -1.54 8.33
CA THR A 38 12.58 -0.39 8.41
C THR A 38 11.26 -0.72 7.71
N ILE A 39 10.14 -0.58 8.41
CA ILE A 39 8.83 -0.92 7.85
C ILE A 39 8.02 0.27 7.34
N GLY A 40 8.30 0.66 6.11
CA GLY A 40 7.56 1.76 5.54
C GLY A 40 8.18 3.09 5.87
N ILE A 41 7.63 3.75 6.88
CA ILE A 41 8.10 5.06 7.30
C ILE A 41 8.12 5.21 8.82
N ASP A 42 9.22 5.79 9.31
CA ASP A 42 9.39 6.08 10.72
C ASP A 42 9.54 7.58 10.79
N PHE A 43 8.85 8.19 11.74
CA PHE A 43 8.92 9.63 11.91
C PHE A 43 9.76 9.97 13.11
N LEU A 44 10.58 11.01 12.99
CA LEU A 44 11.43 11.43 14.09
C LEU A 44 11.90 12.85 13.87
N SER A 45 11.90 13.65 14.92
CA SER A 45 12.30 15.06 14.84
C SER A 45 13.36 15.45 15.87
N LYS A 46 14.10 16.50 15.57
CA LYS A 46 15.13 17.00 16.48
C LYS A 46 15.25 18.48 16.17
N THR A 47 15.85 19.22 17.09
CA THR A 47 16.03 20.64 16.86
C THR A 47 17.52 20.90 16.74
N MET A 48 17.92 21.41 15.56
CA MET A 48 19.31 21.72 15.26
C MET A 48 19.67 23.10 15.84
N TYR A 49 20.77 23.14 16.59
CA TYR A 49 21.25 24.37 17.21
C TYR A 49 22.44 24.94 16.45
N LEU A 50 22.19 26.01 15.69
CA LEU A 50 23.23 26.68 14.92
C LEU A 50 23.35 28.13 15.37
N GLU A 51 24.55 28.68 15.26
CA GLU A 51 24.83 30.06 15.67
C GLU A 51 23.87 31.09 15.08
N ASP A 52 23.58 30.98 13.78
CA ASP A 52 22.70 31.94 13.13
C ASP A 52 21.22 31.74 13.50
N ARG A 53 20.64 30.62 13.10
CA ARG A 53 19.26 30.34 13.41
C ARG A 53 19.13 28.96 14.03
N THR A 54 17.93 28.63 14.52
CA THR A 54 17.67 27.34 15.13
C THR A 54 16.21 26.95 14.90
N VAL A 55 16.00 25.91 14.10
CA VAL A 55 14.66 25.40 13.80
C VAL A 55 14.67 23.88 13.82
N ARG A 56 13.51 23.28 14.08
CA ARG A 56 13.38 21.82 14.14
C ARG A 56 13.31 21.14 12.78
N LEU A 57 13.93 19.96 12.69
CA LEU A 57 13.97 19.17 11.47
C LEU A 57 13.16 17.88 11.59
N GLN A 58 12.10 17.75 10.81
CA GLN A 58 11.27 16.56 10.84
C GLN A 58 11.90 15.54 9.91
N LEU A 59 12.34 14.42 10.46
CA LEU A 59 12.99 13.39 9.65
C LEU A 59 12.03 12.30 9.20
N TRP A 60 12.23 11.83 7.97
CA TRP A 60 11.43 10.77 7.39
C TRP A 60 12.36 9.62 7.05
N ASP A 61 12.30 8.54 7.82
CA ASP A 61 13.15 7.39 7.59
C ASP A 61 12.32 6.35 6.84
N THR A 62 12.54 6.28 5.53
CA THR A 62 11.82 5.35 4.65
C THR A 62 12.49 4.00 4.58
N ALA A 63 11.76 3.01 4.09
CA ALA A 63 12.27 1.66 3.97
C ALA A 63 13.04 1.43 2.69
N GLY A 64 14.05 0.57 2.77
CA GLY A 64 14.84 0.26 1.61
C GLY A 64 14.36 -1.03 0.99
N LEU A 65 13.34 -1.64 1.57
CA LEU A 65 12.81 -2.88 1.05
C LEU A 65 12.01 -2.67 -0.20
N GLU A 66 12.09 -3.65 -1.10
CA GLU A 66 11.38 -3.61 -2.37
C GLU A 66 9.88 -3.61 -2.08
N ARG A 67 9.45 -4.40 -1.11
CA ARG A 67 8.02 -4.47 -0.77
C ARG A 67 7.46 -3.08 -0.59
N PHE A 68 8.32 -2.16 -0.15
CA PHE A 68 7.90 -0.79 0.11
C PHE A 68 8.33 0.20 -0.97
N ARG A 69 8.93 -0.31 -2.04
CA ARG A 69 9.40 0.54 -3.12
C ARG A 69 8.30 1.43 -3.73
N SER A 70 7.12 0.85 -3.97
CA SER A 70 6.01 1.60 -4.56
C SER A 70 5.46 2.75 -3.73
N LEU A 71 5.91 2.87 -2.49
CA LEU A 71 5.43 3.92 -1.60
C LEU A 71 6.36 5.13 -1.53
N ILE A 72 7.63 4.93 -1.88
CA ILE A 72 8.66 5.97 -1.82
C ILE A 72 8.34 7.32 -2.45
N PRO A 73 7.65 7.32 -3.59
CA PRO A 73 7.32 8.61 -4.21
C PRO A 73 6.37 9.39 -3.32
N SER A 74 5.53 8.65 -2.59
CA SER A 74 4.55 9.26 -1.70
C SER A 74 5.25 9.91 -0.50
N TYR A 75 6.34 9.32 -0.06
CA TYR A 75 7.06 9.87 1.08
C TYR A 75 7.81 11.17 0.73
N ILE A 76 8.09 11.36 -0.57
CA ILE A 76 8.83 12.55 -0.99
C ILE A 76 7.94 13.78 -1.17
N ARG A 77 6.65 13.57 -1.42
CA ARG A 77 5.68 14.65 -1.60
C ARG A 77 5.88 15.78 -0.58
N ASP A 78 6.02 17.02 -1.05
CA ASP A 78 6.19 18.19 -0.18
C ASP A 78 7.47 18.19 0.67
N SER A 79 8.46 17.38 0.30
CA SER A 79 9.69 17.31 1.07
C SER A 79 10.67 18.45 0.76
N THR A 80 11.02 19.22 1.79
CA THR A 80 11.94 20.36 1.67
C THR A 80 13.37 19.93 1.34
N VAL A 81 13.75 18.76 1.82
CA VAL A 81 15.10 18.25 1.60
C VAL A 81 15.06 16.74 1.45
N ALA A 82 15.98 16.20 0.66
CA ALA A 82 16.08 14.78 0.44
C ALA A 82 17.52 14.38 0.65
N VAL A 83 17.74 13.30 1.39
CA VAL A 83 19.08 12.84 1.65
C VAL A 83 19.29 11.42 1.16
N VAL A 84 19.90 11.29 -0.01
CA VAL A 84 20.14 9.97 -0.60
C VAL A 84 21.36 9.31 0.04
N VAL A 85 21.17 8.10 0.53
CA VAL A 85 22.23 7.36 1.20
C VAL A 85 22.51 6.02 0.55
N TYR A 86 23.77 5.80 0.20
CA TYR A 86 24.18 4.54 -0.42
C TYR A 86 25.43 3.97 0.24
N ASP A 87 25.50 2.64 0.29
CA ASP A 87 26.64 1.96 0.87
C ASP A 87 27.76 2.13 -0.16
N ILE A 88 29.01 2.08 0.30
CA ILE A 88 30.14 2.20 -0.60
C ILE A 88 30.85 0.85 -0.69
N THR A 89 30.48 -0.06 0.21
CA THR A 89 31.07 -1.41 0.22
C THR A 89 30.35 -2.31 -0.78
N ASN A 90 29.31 -1.79 -1.44
CA ASN A 90 28.54 -2.57 -2.41
C ASN A 90 28.29 -1.75 -3.69
N VAL A 91 28.52 -2.38 -4.84
CA VAL A 91 28.34 -1.71 -6.12
C VAL A 91 26.89 -1.51 -6.54
N ASN A 92 26.04 -2.50 -6.30
CA ASN A 92 24.63 -2.41 -6.67
C ASN A 92 23.91 -1.27 -5.97
N SER A 93 24.19 -1.10 -4.67
CA SER A 93 23.57 -0.03 -3.90
C SER A 93 23.96 1.31 -4.52
N PHE A 94 25.21 1.39 -4.96
CA PHE A 94 25.73 2.60 -5.58
C PHE A 94 25.19 2.72 -7.00
N GLN A 95 24.89 1.57 -7.60
CA GLN A 95 24.40 1.52 -8.97
C GLN A 95 23.18 2.41 -9.26
N GLN A 96 22.04 2.09 -8.65
CA GLN A 96 20.81 2.84 -8.89
C GLN A 96 20.67 4.11 -8.07
N THR A 97 21.75 4.55 -7.45
CA THR A 97 21.72 5.75 -6.65
C THR A 97 21.12 6.94 -7.41
N THR A 98 21.37 6.98 -8.71
CA THR A 98 20.85 8.05 -9.56
C THR A 98 19.34 7.94 -9.78
N LYS A 99 18.83 6.72 -9.84
CA LYS A 99 17.41 6.49 -10.05
C LYS A 99 16.63 7.15 -8.92
N TRP A 100 17.27 7.27 -7.76
CA TRP A 100 16.63 7.88 -6.60
C TRP A 100 16.55 9.39 -6.78
N ILE A 101 17.70 10.01 -7.03
CA ILE A 101 17.75 11.45 -7.22
C ILE A 101 16.78 11.89 -8.30
N ASP A 102 16.66 11.07 -9.36
CA ASP A 102 15.76 11.37 -10.48
C ASP A 102 14.30 11.44 -10.03
N ASP A 103 13.88 10.43 -9.25
CA ASP A 103 12.52 10.36 -8.75
C ASP A 103 12.23 11.52 -7.80
N VAL A 104 13.26 12.00 -7.12
CA VAL A 104 13.10 13.11 -6.20
C VAL A 104 12.71 14.36 -6.96
N ARG A 105 13.56 14.72 -7.91
CA ARG A 105 13.32 15.91 -8.71
C ARG A 105 12.10 15.71 -9.62
N THR A 106 11.59 14.49 -9.68
CA THR A 106 10.41 14.21 -10.50
C THR A 106 9.13 14.47 -9.71
N GLU A 107 9.16 14.18 -8.41
CA GLU A 107 8.00 14.43 -7.55
C GLU A 107 8.07 15.87 -7.05
N ARG A 108 9.25 16.25 -6.59
CA ARG A 108 9.48 17.60 -6.10
C ARG A 108 10.06 18.44 -7.25
N GLY A 109 10.09 19.76 -7.08
CA GLY A 109 10.63 20.63 -8.11
C GLY A 109 12.14 20.69 -8.12
N SER A 110 12.68 21.88 -8.37
CA SER A 110 14.12 22.07 -8.40
C SER A 110 14.58 22.80 -7.15
N ASP A 111 13.61 23.30 -6.38
CA ASP A 111 13.91 24.03 -5.15
C ASP A 111 14.26 23.07 -4.00
N VAL A 112 13.93 21.80 -4.17
CA VAL A 112 14.21 20.79 -3.18
C VAL A 112 15.72 20.55 -3.00
N ILE A 113 16.21 20.83 -1.80
CA ILE A 113 17.62 20.67 -1.48
C ILE A 113 17.95 19.18 -1.38
N ILE A 114 18.71 18.69 -2.34
CA ILE A 114 19.09 17.29 -2.36
C ILE A 114 20.57 17.14 -2.05
N MET A 115 20.95 16.06 -1.38
CA MET A 115 22.34 15.83 -1.06
C MET A 115 22.70 14.36 -1.08
N LEU A 116 23.70 14.03 -1.89
CA LEU A 116 24.15 12.66 -2.01
C LEU A 116 25.04 12.33 -0.82
N VAL A 117 24.96 11.09 -0.35
CA VAL A 117 25.74 10.64 0.79
C VAL A 117 26.20 9.19 0.63
N GLY A 118 27.49 8.97 0.80
CA GLY A 118 28.06 7.63 0.70
C GLY A 118 28.43 7.17 2.09
N ASN A 119 27.59 6.33 2.67
CA ASN A 119 27.81 5.84 4.03
C ASN A 119 28.74 4.63 4.11
N LYS A 120 29.01 4.21 5.35
CA LYS A 120 29.88 3.08 5.64
C LYS A 120 31.35 3.31 5.23
N THR A 121 31.88 4.48 5.59
CA THR A 121 33.27 4.80 5.26
C THR A 121 34.21 4.45 6.43
N ASP A 122 33.65 3.74 7.41
CA ASP A 122 34.38 3.33 8.60
C ASP A 122 35.35 2.18 8.29
N LEU A 123 34.85 1.20 7.55
CA LEU A 123 35.65 0.02 7.17
C LEU A 123 36.01 0.05 5.67
N ALA A 124 37.26 -0.28 5.34
CA ALA A 124 37.72 -0.29 3.95
C ALA A 124 37.65 -1.71 3.38
N ASP A 125 37.15 -2.65 4.18
CA ASP A 125 37.00 -4.06 3.79
C ASP A 125 35.91 -4.25 2.74
N LYS A 126 36.33 -4.58 1.52
CA LYS A 126 35.40 -4.79 0.42
C LYS A 126 34.79 -3.49 -0.15
N ARG A 127 35.50 -2.39 0.01
CA ARG A 127 35.04 -1.10 -0.51
C ARG A 127 35.27 -1.06 -2.02
N GLN A 128 34.19 -1.00 -2.79
CA GLN A 128 34.32 -0.98 -4.24
C GLN A 128 34.07 0.39 -4.88
N VAL A 129 33.55 1.33 -4.11
CA VAL A 129 33.30 2.67 -4.64
C VAL A 129 34.32 3.62 -4.02
N SER A 130 34.73 4.63 -4.77
CA SER A 130 35.68 5.61 -4.29
C SER A 130 35.01 6.97 -4.21
N ILE A 131 35.64 7.90 -3.48
CA ILE A 131 35.12 9.25 -3.31
C ILE A 131 35.00 9.96 -4.65
N GLU A 132 35.92 9.64 -5.56
CA GLU A 132 35.96 10.23 -6.89
C GLU A 132 34.73 9.84 -7.70
N GLU A 133 34.39 8.55 -7.69
CA GLU A 133 33.24 8.05 -8.44
C GLU A 133 31.94 8.71 -7.99
N GLY A 134 31.86 9.02 -6.69
CA GLY A 134 30.65 9.66 -6.19
C GLY A 134 30.65 11.14 -6.48
N GLU A 135 31.83 11.75 -6.40
CA GLU A 135 31.97 13.18 -6.66
C GLU A 135 31.55 13.56 -8.08
N ARG A 136 31.84 12.67 -9.03
CA ARG A 136 31.53 12.91 -10.44
C ARG A 136 30.04 12.98 -10.76
N LYS A 137 29.26 12.02 -10.27
CA LYS A 137 27.82 12.04 -10.53
C LYS A 137 27.10 13.06 -9.64
N ALA A 138 27.79 13.53 -8.61
CA ALA A 138 27.22 14.52 -7.70
C ALA A 138 27.43 15.90 -8.31
N LYS A 139 28.36 15.95 -9.26
CA LYS A 139 28.70 17.19 -9.97
C LYS A 139 27.84 17.34 -11.23
N GLU A 140 27.39 16.22 -11.80
CA GLU A 140 26.56 16.25 -13.00
C GLU A 140 25.20 16.88 -12.69
N LEU A 141 24.55 16.40 -11.62
CA LEU A 141 23.25 16.92 -11.19
C LEU A 141 23.43 17.93 -10.07
N ASN A 142 22.51 18.90 -10.00
CA ASN A 142 22.56 19.93 -8.97
C ASN A 142 22.28 19.26 -7.62
N VAL A 143 23.30 18.57 -7.11
CA VAL A 143 23.19 17.85 -5.85
C VAL A 143 24.49 17.87 -5.03
N MET A 144 24.37 18.22 -3.74
CA MET A 144 25.51 18.30 -2.82
C MET A 144 26.11 16.90 -2.60
N PHE A 145 27.31 16.85 -2.04
CA PHE A 145 27.96 15.56 -1.80
C PHE A 145 28.74 15.60 -0.50
N ILE A 146 28.80 14.45 0.17
CA ILE A 146 29.54 14.34 1.42
C ILE A 146 29.71 12.87 1.81
N GLU A 147 30.89 12.53 2.31
CA GLU A 147 31.19 11.18 2.74
C GLU A 147 30.81 11.03 4.20
N THR A 148 30.20 9.90 4.57
CA THR A 148 29.77 9.68 5.94
C THR A 148 29.85 8.22 6.40
N SER A 149 29.82 8.03 7.72
CA SER A 149 29.88 6.71 8.36
C SER A 149 29.12 6.76 9.67
N ALA A 150 28.34 5.72 9.94
CA ALA A 150 27.54 5.66 11.17
C ALA A 150 28.25 4.99 12.34
N LYS A 151 29.12 4.04 12.04
CA LYS A 151 29.85 3.31 13.08
C LYS A 151 30.90 4.20 13.74
N ALA A 152 31.55 5.03 12.92
CA ALA A 152 32.59 5.94 13.39
C ALA A 152 32.04 7.32 13.70
N GLY A 153 30.91 7.66 13.07
CA GLY A 153 30.33 8.96 13.29
C GLY A 153 31.13 10.03 12.59
N TYR A 154 31.74 9.64 11.47
CA TYR A 154 32.56 10.53 10.63
C TYR A 154 31.73 11.73 10.19
N ASN A 155 31.89 12.85 10.90
CA ASN A 155 31.15 14.09 10.62
C ASN A 155 29.71 13.92 10.12
N VAL A 156 28.90 13.25 10.94
CA VAL A 156 27.50 13.01 10.64
C VAL A 156 26.79 14.35 10.80
N LYS A 157 27.32 15.19 11.68
CA LYS A 157 26.77 16.52 11.95
C LYS A 157 26.92 17.45 10.74
N GLN A 158 28.01 17.27 10.00
CA GLN A 158 28.27 18.10 8.81
C GLN A 158 27.13 17.88 7.82
N LEU A 159 26.73 16.62 7.70
CA LEU A 159 25.65 16.20 6.82
C LEU A 159 24.42 17.05 7.13
N PHE A 160 24.19 17.28 8.42
CA PHE A 160 23.05 18.05 8.88
C PHE A 160 23.31 19.56 8.85
N ARG A 161 24.43 19.99 9.44
CA ARG A 161 24.77 21.40 9.50
C ARG A 161 24.56 22.19 8.21
N ARG A 162 25.22 21.76 7.15
CA ARG A 162 25.15 22.46 5.86
C ARG A 162 23.87 22.28 5.09
N VAL A 163 23.17 21.19 5.35
CA VAL A 163 21.92 20.93 4.65
C VAL A 163 20.78 21.73 5.29
N ALA A 164 20.88 21.97 6.59
CA ALA A 164 19.84 22.72 7.29
C ALA A 164 20.05 24.23 7.22
N ALA A 165 21.25 24.65 6.82
CA ALA A 165 21.55 26.08 6.70
C ALA A 165 21.29 26.53 5.28
N ALA A 166 21.52 25.62 4.33
CA ALA A 166 21.34 25.90 2.91
C ALA A 166 19.86 25.82 2.51
N LEU A 167 19.03 26.58 3.20
CA LEU A 167 17.61 26.61 2.90
C LEU A 167 16.91 27.84 3.49
N PRO A 168 15.88 28.36 2.79
CA PRO A 168 15.17 29.52 3.27
C PRO A 168 14.57 29.27 4.65
N GLY A 169 14.29 30.36 5.35
CA GLY A 169 13.74 30.24 6.69
C GLY A 169 12.54 31.10 7.00
N MET A 170 12.37 31.37 8.29
CA MET A 170 11.20 32.10 8.77
C MET A 170 11.29 33.59 8.37
N ASN B 31 -13.91 20.25 36.85
CA ASN B 31 -13.43 20.23 38.26
C ASN B 31 -11.91 20.29 38.34
N LEU B 32 -11.37 21.47 38.65
CA LEU B 32 -9.93 21.70 38.77
C LEU B 32 -9.13 21.36 37.50
N SER B 33 -9.74 21.59 36.34
CA SER B 33 -9.08 21.31 35.06
C SER B 33 -9.67 22.19 33.94
N PRO B 34 -9.09 23.39 33.75
CA PRO B 34 -9.53 24.34 32.73
C PRO B 34 -8.76 24.18 31.42
N SER B 35 -7.43 24.19 31.53
CA SER B 35 -6.55 24.03 30.38
C SER B 35 -5.58 22.88 30.66
N VAL B 36 -5.81 22.18 31.75
CA VAL B 36 -4.97 21.03 32.11
C VAL B 36 -5.39 19.88 31.22
N ILE B 37 -6.70 19.73 31.03
CA ILE B 37 -7.24 18.66 30.19
C ILE B 37 -6.74 18.82 28.74
N ALA B 38 -6.52 20.05 28.33
CA ALA B 38 -6.02 20.33 27.00
C ALA B 38 -4.69 19.60 26.79
N GLN B 39 -3.82 19.68 27.80
CA GLN B 39 -2.51 19.02 27.73
C GLN B 39 -2.65 17.52 27.96
N THR B 40 -3.69 17.12 28.68
CA THR B 40 -3.94 15.70 28.94
C THR B 40 -4.44 15.00 27.68
N ASN B 41 -5.09 15.76 26.81
CA ASN B 41 -5.59 15.21 25.55
C ASN B 41 -4.48 15.12 24.50
N TRP B 42 -3.43 15.92 24.65
CA TRP B 42 -2.31 15.87 23.71
C TRP B 42 -1.47 14.62 23.97
N LYS B 43 -1.57 14.12 25.20
CA LYS B 43 -0.86 12.91 25.57
C LYS B 43 -1.63 11.79 24.91
N PHE B 44 -2.95 11.75 25.11
CA PHE B 44 -3.78 10.72 24.50
C PHE B 44 -3.58 10.66 22.98
N VAL B 45 -3.50 11.82 22.35
CA VAL B 45 -3.31 11.87 20.91
C VAL B 45 -1.95 11.26 20.58
N GLU B 46 -0.92 11.62 21.34
CA GLU B 46 0.41 11.06 21.10
C GLU B 46 0.34 9.52 21.25
N GLY B 47 -0.34 9.07 22.32
CA GLY B 47 -0.48 7.65 22.60
C GLY B 47 -1.13 6.86 21.48
N LEU B 48 -2.13 7.46 20.88
CA LEU B 48 -2.83 6.84 19.79
C LEU B 48 -1.92 6.75 18.57
N LEU B 49 -1.04 7.70 18.40
CA LEU B 49 -0.17 7.65 17.25
C LEU B 49 0.92 6.59 17.45
N LYS B 50 1.56 6.61 18.61
CA LYS B 50 2.61 5.63 18.88
C LYS B 50 1.99 4.25 18.80
N GLU B 51 0.72 4.15 19.18
CA GLU B 51 0.04 2.87 19.12
C GLU B 51 -0.12 2.46 17.68
N CYS B 52 -0.73 3.34 16.90
CA CYS B 52 -0.94 3.06 15.49
C CYS B 52 0.34 2.53 14.83
N ARG B 53 1.44 3.25 15.01
CA ARG B 53 2.72 2.85 14.41
C ARG B 53 3.09 1.44 14.82
N ASN B 54 3.12 1.19 16.13
CA ASN B 54 3.47 -0.13 16.64
C ASN B 54 2.65 -1.22 15.98
N LYS B 55 1.32 -1.10 16.04
CA LYS B 55 0.44 -2.10 15.45
C LYS B 55 0.66 -2.24 13.94
N THR B 56 0.87 -1.12 13.28
CA THR B 56 1.13 -1.13 11.86
C THR B 56 2.43 -1.89 11.63
N LYS B 57 3.49 -1.46 12.29
CA LYS B 57 4.79 -2.10 12.16
C LYS B 57 4.77 -3.59 12.50
N ARG B 58 3.90 -4.02 13.42
CA ARG B 58 3.84 -5.43 13.79
C ARG B 58 3.14 -6.26 12.74
N MET B 59 1.90 -5.88 12.41
CA MET B 59 1.11 -6.58 11.41
C MET B 59 1.89 -6.76 10.12
N LEU B 60 2.80 -5.85 9.82
CA LEU B 60 3.58 -5.99 8.59
C LEU B 60 4.65 -7.06 8.76
N VAL B 61 5.24 -7.10 9.95
CA VAL B 61 6.26 -8.09 10.23
C VAL B 61 5.63 -9.46 10.35
N GLU B 62 4.48 -9.55 11.02
CA GLU B 62 3.78 -10.83 11.16
C GLU B 62 3.39 -11.38 9.80
N LYS B 63 2.96 -10.52 8.89
CA LYS B 63 2.53 -10.95 7.57
C LYS B 63 3.67 -11.24 6.62
N MET B 64 4.74 -10.46 6.69
CA MET B 64 5.88 -10.70 5.83
C MET B 64 6.55 -12.00 6.26
N GLY B 65 6.40 -12.33 7.54
CA GLY B 65 7.00 -13.53 8.08
C GLY B 65 6.22 -14.75 7.69
N ARG B 66 4.92 -14.54 7.49
CA ARG B 66 4.02 -15.60 7.10
C ARG B 66 4.29 -15.90 5.63
N GLU B 67 4.60 -14.86 4.87
CA GLU B 67 4.88 -15.00 3.45
C GLU B 67 6.29 -15.53 3.23
N ALA B 68 6.98 -15.83 4.33
CA ALA B 68 8.36 -16.33 4.24
C ALA B 68 8.37 -17.84 4.11
N VAL B 69 7.92 -18.53 5.14
CA VAL B 69 7.88 -19.98 5.12
C VAL B 69 6.49 -20.49 5.53
N GLU B 70 5.70 -20.85 4.52
CA GLU B 70 4.36 -21.38 4.75
C GLU B 70 3.98 -22.40 3.65
N LEU B 71 4.14 -23.68 3.98
CA LEU B 71 3.84 -24.78 3.08
C LEU B 71 2.72 -25.65 3.67
N GLY B 72 1.48 -25.41 3.23
CA GLY B 72 0.33 -26.16 3.70
C GLY B 72 -0.52 -26.69 2.55
N ASN B 77 -4.59 -21.95 9.77
CA ASN B 77 -3.18 -21.95 10.14
C ASN B 77 -3.01 -21.33 11.53
N ILE B 78 -1.79 -21.34 12.05
CA ILE B 78 -1.48 -20.77 13.36
C ILE B 78 -1.41 -19.24 13.23
N THR B 79 -0.76 -18.79 12.16
CA THR B 79 -0.60 -17.37 11.88
C THR B 79 -1.90 -16.77 11.28
N GLY B 80 -2.77 -17.66 10.78
CA GLY B 80 -4.02 -17.21 10.19
C GLY B 80 -5.00 -16.73 11.25
N VAL B 81 -4.96 -17.35 12.43
CA VAL B 81 -5.85 -16.94 13.52
C VAL B 81 -5.26 -15.69 14.16
N GLU B 82 -3.93 -15.58 14.10
CA GLU B 82 -3.25 -14.43 14.65
C GLU B 82 -3.63 -13.21 13.83
N GLU B 83 -3.69 -13.37 12.51
CA GLU B 83 -4.05 -12.26 11.66
C GLU B 83 -5.48 -11.78 11.96
N ASN B 84 -6.35 -12.68 12.37
CA ASN B 84 -7.72 -12.28 12.69
C ASN B 84 -7.76 -11.40 13.92
N THR B 85 -6.93 -11.70 14.92
CA THR B 85 -6.92 -10.91 16.14
C THR B 85 -6.13 -9.64 15.94
N LEU B 86 -5.17 -9.67 15.03
CA LEU B 86 -4.39 -8.49 14.74
C LEU B 86 -5.32 -7.44 14.15
N ILE B 87 -6.19 -7.87 13.25
CA ILE B 87 -7.16 -6.97 12.61
C ILE B 87 -8.17 -6.56 13.67
N ALA B 88 -8.41 -7.44 14.63
CA ALA B 88 -9.35 -7.15 15.71
C ALA B 88 -8.85 -5.92 16.45
N SER B 89 -7.56 -5.94 16.78
CA SER B 89 -6.92 -4.83 17.49
C SER B 89 -6.85 -3.58 16.63
N LEU B 90 -6.48 -3.73 15.36
CA LEU B 90 -6.41 -2.59 14.45
C LEU B 90 -7.74 -1.88 14.38
N CYS B 91 -8.83 -2.62 14.44
CA CYS B 91 -10.17 -2.03 14.39
C CYS B 91 -10.54 -1.26 15.64
N ASP B 92 -10.20 -1.81 16.82
CA ASP B 92 -10.51 -1.11 18.06
C ASP B 92 -9.68 0.16 18.14
N LEU B 93 -8.45 0.10 17.65
CA LEU B 93 -7.56 1.25 17.66
C LEU B 93 -8.22 2.33 16.83
N LEU B 94 -8.74 1.93 15.67
CA LEU B 94 -9.40 2.85 14.77
C LEU B 94 -10.68 3.40 15.40
N GLU B 95 -11.34 2.59 16.21
CA GLU B 95 -12.56 3.04 16.87
C GLU B 95 -12.19 4.12 17.88
N ARG B 96 -11.23 3.81 18.74
CA ARG B 96 -10.78 4.76 19.73
C ARG B 96 -10.38 6.06 19.06
N ILE B 97 -9.63 5.98 17.96
CA ILE B 97 -9.22 7.18 17.25
C ILE B 97 -10.42 8.00 16.79
N TRP B 98 -11.45 7.31 16.33
CA TRP B 98 -12.64 7.97 15.82
C TRP B 98 -13.63 8.39 16.91
N SER B 99 -13.40 7.96 18.15
CA SER B 99 -14.31 8.31 19.24
C SER B 99 -13.72 9.44 20.08
N HIS B 100 -12.47 9.80 19.78
CA HIS B 100 -11.74 10.83 20.50
C HIS B 100 -12.14 12.27 20.26
N GLY B 101 -12.90 12.84 21.18
CA GLY B 101 -13.33 14.22 21.07
C GLY B 101 -14.41 14.46 20.03
N LEU B 102 -15.64 14.12 20.34
CA LEU B 102 -16.71 14.33 19.38
C LEU B 102 -18.05 14.34 20.10
N GLN B 103 -19.10 14.70 19.38
CA GLN B 103 -20.47 14.73 19.91
C GLN B 103 -21.09 13.36 19.59
N VAL B 104 -20.78 12.40 20.46
CA VAL B 104 -21.21 11.00 20.32
C VAL B 104 -22.58 10.69 19.76
N LYS B 105 -22.59 9.97 18.64
CA LYS B 105 -23.82 9.54 17.99
C LYS B 105 -24.38 8.39 18.83
N GLN B 106 -25.61 7.97 18.52
CA GLN B 106 -26.22 6.88 19.26
C GLN B 106 -25.56 5.59 18.80
N GLY B 107 -24.99 5.64 17.59
CA GLY B 107 -24.32 4.47 17.04
C GLY B 107 -23.22 3.96 17.94
N LYS B 108 -22.96 2.66 17.89
CA LYS B 108 -21.91 2.08 18.71
C LYS B 108 -20.54 2.31 18.08
N SER B 109 -20.51 2.48 16.76
CA SER B 109 -19.26 2.70 16.03
C SER B 109 -19.07 4.12 15.53
N ALA B 110 -17.99 4.75 15.98
CA ALA B 110 -17.68 6.12 15.62
C ALA B 110 -17.07 6.18 14.24
N LEU B 111 -16.50 5.06 13.81
CA LEU B 111 -15.89 5.00 12.49
C LEU B 111 -16.99 4.84 11.45
N TRP B 112 -18.03 4.10 11.78
CA TRP B 112 -19.14 3.88 10.86
C TRP B 112 -20.07 5.09 10.79
N SER B 113 -20.15 5.84 11.88
CA SER B 113 -20.99 7.02 11.89
C SER B 113 -20.36 8.11 11.04
N HIS B 114 -19.04 8.30 11.14
CA HIS B 114 -18.39 9.32 10.32
C HIS B 114 -18.40 8.83 8.86
N LEU B 115 -18.49 7.52 8.67
CA LEU B 115 -18.53 6.98 7.32
C LEU B 115 -19.92 7.29 6.81
N LEU B 116 -20.92 6.84 7.56
CA LEU B 116 -22.29 7.07 7.18
C LEU B 116 -22.56 8.51 6.78
N HIS B 117 -21.96 9.45 7.49
CA HIS B 117 -22.19 10.86 7.17
C HIS B 117 -21.66 11.21 5.81
N TYR B 118 -20.38 10.93 5.56
CA TYR B 118 -19.78 11.22 4.27
C TYR B 118 -20.64 10.65 3.15
N GLN B 119 -21.27 9.52 3.45
CA GLN B 119 -22.15 8.79 2.53
C GLN B 119 -23.43 9.57 2.28
N GLU B 120 -24.09 10.03 3.37
CA GLU B 120 -25.35 10.78 3.34
C GLU B 120 -25.20 12.22 2.85
N ASN B 121 -23.97 12.75 2.90
CA ASN B 121 -23.70 14.11 2.47
C ASN B 121 -23.30 14.16 1.00
N ARG B 122 -23.19 12.99 0.40
CA ARG B 122 -22.89 12.92 -1.03
C ARG B 122 -24.25 12.64 -1.66
N GLN B 123 -25.15 12.10 -0.84
CA GLN B 123 -26.51 11.79 -1.24
C GLN B 123 -27.23 13.13 -1.49
N ARG B 124 -26.88 14.13 -0.67
CA ARG B 124 -27.45 15.47 -0.78
C ARG B 124 -26.89 16.19 -2.01
N LYS B 125 -25.57 16.18 -2.14
CA LYS B 125 -24.92 16.82 -3.28
C LYS B 125 -25.12 15.98 -4.55
N LEU B 126 -26.25 16.18 -5.22
CA LEU B 126 -26.57 15.44 -6.43
C LEU B 126 -27.34 16.35 -7.41
N ALA B 149 -8.01 -7.12 -24.78
CA ALA B 149 -6.94 -7.52 -23.86
C ALA B 149 -7.13 -6.97 -22.43
N VAL B 150 -7.64 -5.74 -22.33
CA VAL B 150 -7.87 -5.10 -21.03
C VAL B 150 -9.33 -4.76 -20.86
N MET B 151 -9.86 -4.96 -19.66
CA MET B 151 -11.26 -4.64 -19.38
C MET B 151 -11.41 -3.28 -18.72
N SER B 152 -12.65 -2.77 -18.66
CA SER B 152 -12.91 -1.48 -18.04
C SER B 152 -12.51 -1.56 -16.57
N PRO B 153 -11.81 -0.53 -16.05
CA PRO B 153 -11.37 -0.49 -14.64
C PRO B 153 -12.51 -0.19 -13.68
N LEU B 154 -12.36 -0.65 -12.44
CA LEU B 154 -13.40 -0.46 -11.43
C LEU B 154 -13.35 0.90 -10.74
N ARG B 155 -14.52 1.35 -10.28
CA ARG B 155 -14.64 2.62 -9.58
C ARG B 155 -13.99 2.53 -8.20
N ILE B 156 -13.00 3.39 -7.94
CA ILE B 156 -12.31 3.40 -6.64
C ILE B 156 -12.97 4.48 -5.79
N SER B 157 -13.65 4.08 -4.74
CA SER B 157 -14.35 5.05 -3.91
C SER B 157 -14.75 4.53 -2.54
N LEU B 158 -14.41 5.27 -1.49
CA LEU B 158 -14.77 4.80 -0.16
C LEU B 158 -16.29 4.54 -0.06
N ILE B 159 -17.05 5.25 -0.87
CA ILE B 159 -18.50 5.08 -0.85
C ILE B 159 -18.86 3.74 -1.49
N GLN B 160 -18.16 3.40 -2.57
CA GLN B 160 -18.42 2.13 -3.27
C GLN B 160 -18.26 0.96 -2.34
N ASP B 161 -17.10 0.88 -1.72
CA ASP B 161 -16.80 -0.20 -0.82
C ASP B 161 -17.70 -0.18 0.41
N MET B 162 -18.35 0.95 0.64
CA MET B 162 -19.28 1.04 1.76
C MET B 162 -20.50 0.26 1.35
N ARG B 163 -20.97 0.57 0.15
CA ARG B 163 -22.14 -0.07 -0.42
C ARG B 163 -22.00 -1.58 -0.41
N HIS B 164 -20.79 -2.06 -0.68
CA HIS B 164 -20.54 -3.49 -0.69
C HIS B 164 -20.82 -4.08 0.68
N ILE B 165 -20.49 -3.32 1.72
CA ILE B 165 -20.71 -3.81 3.06
C ILE B 165 -22.17 -3.64 3.42
N GLN B 166 -22.74 -2.55 2.92
CA GLN B 166 -24.13 -2.23 3.18
C GLN B 166 -25.11 -3.27 2.67
N ASN B 167 -24.74 -4.04 1.65
CA ASN B 167 -25.67 -5.06 1.17
C ASN B 167 -25.27 -6.48 1.57
N ILE B 168 -24.86 -6.63 2.82
CA ILE B 168 -24.51 -7.92 3.39
C ILE B 168 -25.49 -8.12 4.54
N GLY B 169 -26.54 -8.88 4.27
CA GLY B 169 -27.56 -9.12 5.29
C GLY B 169 -27.12 -9.58 6.67
N GLU B 170 -26.32 -10.64 6.72
CA GLU B 170 -25.86 -11.18 8.00
C GLU B 170 -25.26 -10.18 8.97
N ILE B 171 -24.63 -9.11 8.47
CA ILE B 171 -24.03 -8.09 9.33
C ILE B 171 -25.09 -7.13 9.86
N LYS B 172 -25.30 -7.12 11.17
CA LYS B 172 -26.31 -6.26 11.81
C LYS B 172 -25.83 -5.07 12.66
N THR B 173 -24.71 -5.22 13.36
CA THR B 173 -24.20 -4.13 14.19
C THR B 173 -23.40 -3.10 13.38
N ASP B 174 -23.39 -1.86 13.87
CA ASP B 174 -22.65 -0.80 13.20
C ASP B 174 -21.19 -1.13 13.29
N VAL B 175 -20.84 -1.84 14.36
CA VAL B 175 -19.44 -2.19 14.58
C VAL B 175 -18.97 -3.18 13.53
N GLY B 176 -19.80 -4.18 13.23
CA GLY B 176 -19.41 -5.18 12.24
C GLY B 176 -19.25 -4.58 10.85
N LYS B 177 -20.12 -3.63 10.53
CA LYS B 177 -20.06 -2.97 9.25
C LYS B 177 -18.71 -2.28 9.13
N ALA B 178 -18.31 -1.60 10.18
CA ALA B 178 -17.03 -0.93 10.13
C ALA B 178 -15.91 -1.95 10.04
N ARG B 179 -16.00 -2.98 10.87
CA ARG B 179 -14.96 -3.99 10.87
C ARG B 179 -14.91 -4.67 9.52
N ALA B 180 -16.06 -4.80 8.87
CA ALA B 180 -16.11 -5.42 7.54
C ALA B 180 -15.48 -4.49 6.52
N TRP B 181 -15.85 -3.23 6.62
CA TRP B 181 -15.37 -2.20 5.72
C TRP B 181 -13.86 -2.06 5.71
N VAL B 182 -13.26 -2.15 6.89
CA VAL B 182 -11.83 -1.99 7.00
C VAL B 182 -11.04 -3.18 6.44
N ARG B 183 -11.63 -4.37 6.50
CA ARG B 183 -10.96 -5.55 6.00
C ARG B 183 -11.02 -5.52 4.48
N LEU B 184 -12.21 -5.22 3.96
CA LEU B 184 -12.38 -5.12 2.52
C LEU B 184 -11.40 -4.07 1.96
N SER B 185 -11.23 -2.97 2.66
CA SER B 185 -10.32 -1.93 2.18
C SER B 185 -8.87 -2.43 2.24
N MET B 186 -8.59 -3.27 3.23
CA MET B 186 -7.27 -3.81 3.43
C MET B 186 -6.90 -4.79 2.33
N GLU B 187 -7.89 -5.58 1.90
CA GLU B 187 -7.67 -6.51 0.83
C GLU B 187 -7.48 -5.67 -0.42
N LYS B 188 -8.32 -4.65 -0.59
CA LYS B 188 -8.23 -3.79 -1.77
C LYS B 188 -7.02 -2.87 -1.79
N LYS B 189 -6.38 -2.71 -0.62
CA LYS B 189 -5.20 -1.86 -0.47
C LYS B 189 -5.61 -0.39 -0.52
N LEU B 190 -6.74 -0.09 0.11
CA LEU B 190 -7.26 1.27 0.12
C LEU B 190 -7.68 1.77 1.48
N LEU B 191 -7.18 1.20 2.57
CA LEU B 191 -7.57 1.69 3.88
C LEU B 191 -7.07 3.11 4.03
N SER B 192 -5.79 3.31 3.73
CA SER B 192 -5.19 4.63 3.83
C SER B 192 -5.93 5.61 2.91
N ARG B 193 -6.07 5.26 1.63
CA ARG B 193 -6.76 6.13 0.67
C ARG B 193 -8.15 6.51 1.13
N HIS B 194 -8.94 5.50 1.48
CA HIS B 194 -10.29 5.76 1.93
C HIS B 194 -10.40 6.65 3.14
N LEU B 195 -9.44 6.53 4.07
CA LEU B 195 -9.50 7.37 5.25
C LEU B 195 -9.02 8.78 4.90
N LYS B 196 -8.00 8.88 4.06
CA LYS B 196 -7.51 10.18 3.63
C LYS B 196 -8.62 10.94 2.88
N GLN B 197 -9.49 10.20 2.20
CA GLN B 197 -10.60 10.80 1.45
C GLN B 197 -11.77 11.09 2.38
N LEU B 198 -11.94 10.26 3.40
CA LEU B 198 -13.03 10.48 4.32
C LEU B 198 -12.67 11.71 5.12
N LEU B 199 -11.37 11.93 5.28
CA LEU B 199 -10.87 13.06 6.04
C LEU B 199 -10.67 14.33 5.24
N SER B 200 -10.85 14.25 3.92
CA SER B 200 -10.69 15.42 3.06
C SER B 200 -11.85 16.40 3.19
N ASP B 201 -13.03 15.90 3.52
CA ASP B 201 -14.19 16.75 3.71
C ASP B 201 -14.00 17.42 5.07
N HIS B 202 -13.02 18.33 5.14
CA HIS B 202 -12.69 19.01 6.38
C HIS B 202 -13.87 19.62 7.11
N GLU B 203 -14.82 20.17 6.38
CA GLU B 203 -15.98 20.75 7.04
C GLU B 203 -16.70 19.68 7.84
N LEU B 204 -16.70 18.46 7.32
CA LEU B 204 -17.40 17.37 7.99
C LEU B 204 -16.71 16.96 9.28
N THR B 205 -15.38 16.89 9.24
CA THR B 205 -14.63 16.49 10.43
C THR B 205 -14.73 17.60 11.49
N LYS B 206 -14.84 18.83 11.01
CA LYS B 206 -14.94 20.01 11.88
C LYS B 206 -16.30 20.07 12.59
N LYS B 207 -17.32 19.63 11.89
CA LYS B 207 -18.69 19.65 12.41
C LYS B 207 -18.93 18.56 13.44
N LEU B 208 -18.10 17.52 13.41
CA LEU B 208 -18.25 16.38 14.32
C LEU B 208 -17.24 16.29 15.46
N TYR B 209 -16.02 16.74 15.20
CA TYR B 209 -14.95 16.67 16.19
C TYR B 209 -14.50 17.98 16.82
N LYS B 210 -14.24 17.93 18.13
CA LYS B 210 -13.75 19.09 18.86
C LYS B 210 -12.38 19.42 18.32
N ARG B 211 -11.85 20.59 18.66
CA ARG B 211 -10.54 21.00 18.15
C ARG B 211 -9.32 20.23 18.65
N TYR B 212 -9.44 19.57 19.80
CA TYR B 212 -8.31 18.83 20.37
C TYR B 212 -8.29 17.38 19.93
N ALA B 213 -9.23 17.01 19.06
CA ALA B 213 -9.34 15.63 18.57
C ALA B 213 -8.10 15.14 17.83
N PHE B 214 -8.06 13.83 17.59
CA PHE B 214 -6.94 13.22 16.90
C PHE B 214 -7.05 13.56 15.44
N LEU B 215 -8.22 13.28 14.90
CA LEU B 215 -8.55 13.48 13.50
C LEU B 215 -8.42 14.93 13.07
N ARG B 216 -8.80 15.81 13.99
CA ARG B 216 -8.75 17.24 13.74
C ARG B 216 -7.30 17.75 13.89
N CYS B 217 -6.47 16.99 14.58
CA CYS B 217 -5.07 17.33 14.78
C CYS B 217 -4.32 16.89 13.53
N ASP B 218 -4.24 17.76 12.54
CA ASP B 218 -3.64 17.42 11.26
C ASP B 218 -2.17 17.02 11.13
N ASP B 219 -1.35 17.28 12.14
CA ASP B 219 0.04 16.89 12.00
C ASP B 219 0.22 15.41 12.34
N GLU B 220 -0.59 14.92 13.29
CA GLU B 220 -0.54 13.53 13.72
C GLU B 220 -1.40 12.65 12.78
N LYS B 221 -2.45 13.24 12.22
CA LYS B 221 -3.34 12.54 11.29
C LYS B 221 -2.57 12.18 10.02
N GLU B 222 -1.71 13.06 9.57
CA GLU B 222 -0.97 12.76 8.36
C GLU B 222 -0.03 11.58 8.57
N GLN B 223 0.52 11.44 9.78
CA GLN B 223 1.42 10.33 10.05
C GLN B 223 0.58 9.07 10.16
N PHE B 224 -0.59 9.24 10.75
CA PHE B 224 -1.54 8.16 10.92
C PHE B 224 -1.88 7.54 9.58
N LEU B 225 -2.09 8.37 8.57
CA LEU B 225 -2.42 7.86 7.25
C LEU B 225 -1.15 7.28 6.62
N TYR B 226 -0.05 7.99 6.71
CA TYR B 226 1.19 7.50 6.13
C TYR B 226 1.62 6.13 6.64
N HIS B 227 1.11 5.74 7.81
CA HIS B 227 1.46 4.43 8.35
C HIS B 227 0.56 3.34 7.76
N LEU B 228 -0.72 3.67 7.61
CA LEU B 228 -1.67 2.72 7.04
C LEU B 228 -1.23 2.44 5.60
N LEU B 229 -0.32 3.25 5.10
CA LEU B 229 0.15 3.07 3.75
C LEU B 229 0.98 1.79 3.62
N SER B 230 1.44 1.27 4.73
CA SER B 230 2.24 0.06 4.71
C SER B 230 1.43 -1.17 4.37
N PHE B 231 0.13 -1.13 4.67
CA PHE B 231 -0.72 -2.27 4.38
C PHE B 231 -0.90 -2.50 2.88
N ASN B 232 -0.34 -1.62 2.07
CA ASN B 232 -0.45 -1.71 0.63
C ASN B 232 0.70 -2.51 0.04
N ALA B 233 1.67 -2.85 0.89
CA ALA B 233 2.85 -3.61 0.48
C ALA B 233 2.70 -5.08 0.83
N VAL B 234 1.49 -5.45 1.24
CA VAL B 234 1.24 -6.82 1.60
C VAL B 234 -0.14 -7.22 1.13
N ASP B 235 -0.26 -8.49 0.75
CA ASP B 235 -1.52 -9.00 0.26
C ASP B 235 -2.42 -9.59 1.34
N TYR B 236 -3.52 -8.91 1.62
CA TYR B 236 -4.48 -9.36 2.61
C TYR B 236 -5.69 -9.93 1.89
N PHE B 237 -6.32 -10.93 2.50
CA PHE B 237 -7.51 -11.57 1.93
C PHE B 237 -8.43 -11.72 3.12
N CYS B 238 -8.37 -10.72 4.00
CA CYS B 238 -9.15 -10.70 5.24
C CYS B 238 -10.63 -10.50 5.06
N PHE B 239 -11.02 -10.09 3.86
CA PHE B 239 -12.42 -9.88 3.55
C PHE B 239 -12.91 -11.15 2.94
N THR B 240 -12.18 -11.58 1.90
CA THR B 240 -12.51 -12.78 1.16
C THR B 240 -12.55 -14.02 2.03
N ASN B 241 -11.55 -14.20 2.89
CA ASN B 241 -11.47 -15.39 3.75
C ASN B 241 -12.37 -15.46 4.97
N VAL B 242 -13.11 -14.39 5.25
CA VAL B 242 -13.99 -14.43 6.42
C VAL B 242 -15.44 -14.49 6.00
N PHE B 243 -15.75 -13.85 4.88
CA PHE B 243 -17.13 -13.84 4.37
C PHE B 243 -17.29 -14.89 3.26
N THR B 244 -17.18 -16.14 3.66
CA THR B 244 -17.24 -17.29 2.79
C THR B 244 -18.60 -17.64 2.25
N THR B 245 -19.64 -16.95 2.71
CA THR B 245 -20.95 -17.29 2.20
C THR B 245 -21.70 -16.16 1.48
N ILE B 246 -21.01 -15.06 1.21
CA ILE B 246 -21.69 -13.96 0.54
C ILE B 246 -21.65 -14.17 -0.97
N LEU B 247 -22.55 -13.50 -1.68
CA LEU B 247 -22.56 -13.59 -3.12
C LEU B 247 -21.58 -12.56 -3.64
N ILE B 248 -20.74 -12.99 -4.59
CA ILE B 248 -19.74 -12.12 -5.18
C ILE B 248 -19.83 -12.24 -6.71
N PRO B 249 -19.77 -11.11 -7.42
CA PRO B 249 -19.85 -11.19 -8.88
C PRO B 249 -18.48 -11.30 -9.57
N TYR B 250 -18.34 -12.30 -10.42
CA TYR B 250 -17.08 -12.48 -11.15
C TYR B 250 -17.25 -12.07 -12.60
N HIS B 251 -16.41 -11.11 -13.00
CA HIS B 251 -16.41 -10.55 -14.34
C HIS B 251 -15.51 -11.40 -15.24
N ILE B 252 -16.10 -12.10 -16.19
CA ILE B 252 -15.31 -12.97 -17.07
C ILE B 252 -15.01 -12.29 -18.40
N LEU B 253 -13.81 -12.51 -18.92
CA LEU B 253 -13.42 -11.92 -20.20
C LEU B 253 -12.55 -12.88 -21.00
N ILE B 254 -13.13 -13.44 -22.06
CA ILE B 254 -12.42 -14.39 -22.91
C ILE B 254 -11.73 -13.58 -23.99
N VAL B 255 -10.42 -13.75 -24.07
CA VAL B 255 -9.60 -13.04 -25.03
C VAL B 255 -9.16 -14.00 -26.11
N PRO B 256 -9.84 -13.96 -27.26
CA PRO B 256 -9.52 -14.84 -28.38
C PRO B 256 -8.37 -14.25 -29.17
N SER B 257 -7.54 -15.09 -29.76
CA SER B 257 -6.41 -14.63 -30.55
C SER B 257 -6.92 -14.04 -31.86
N LYS B 258 -7.10 -12.73 -31.92
CA LYS B 258 -7.61 -12.10 -33.13
C LYS B 258 -6.57 -12.03 -34.24
N LYS B 259 -6.70 -12.95 -35.18
CA LYS B 259 -5.83 -13.09 -36.34
C LYS B 259 -6.72 -13.81 -37.35
N LEU B 260 -6.83 -13.27 -38.56
CA LEU B 260 -7.66 -13.87 -39.61
C LEU B 260 -6.97 -15.16 -40.08
N GLY B 261 -7.43 -16.30 -39.57
CA GLY B 261 -6.85 -17.58 -39.94
C GLY B 261 -7.75 -18.79 -39.71
N GLY B 262 -8.43 -19.21 -40.78
CA GLY B 262 -9.36 -20.33 -40.71
C GLY B 262 -10.76 -19.85 -41.02
N SER B 263 -11.59 -19.73 -39.99
CA SER B 263 -12.96 -19.27 -40.17
C SER B 263 -13.56 -18.89 -38.82
N MET B 264 -14.76 -18.33 -38.85
CA MET B 264 -15.44 -17.93 -37.65
C MET B 264 -15.79 -19.11 -36.77
N PHE B 265 -15.54 -18.96 -35.47
CA PHE B 265 -15.82 -19.98 -34.48
C PHE B 265 -17.33 -20.21 -34.46
N THR B 266 -17.71 -21.47 -34.65
CA THR B 266 -19.11 -21.85 -34.71
C THR B 266 -19.71 -22.60 -33.53
N ALA B 267 -18.84 -23.24 -32.73
CA ALA B 267 -19.26 -24.03 -31.58
C ALA B 267 -19.84 -23.25 -30.39
N ASN B 268 -20.33 -24.00 -29.40
CA ASN B 268 -20.88 -23.43 -28.17
C ASN B 268 -19.88 -23.63 -27.04
N PRO B 269 -19.39 -22.53 -26.48
CA PRO B 269 -18.42 -22.63 -25.41
C PRO B 269 -19.06 -22.66 -24.03
N TRP B 270 -18.32 -23.25 -23.09
CA TRP B 270 -18.71 -23.35 -21.70
C TRP B 270 -17.46 -23.01 -20.87
N ILE B 271 -17.68 -22.58 -19.63
CA ILE B 271 -16.57 -22.21 -18.76
C ILE B 271 -16.82 -22.66 -17.33
N CYS B 272 -15.75 -22.84 -16.57
CA CYS B 272 -15.91 -23.22 -15.18
C CYS B 272 -14.80 -22.58 -14.32
N ILE B 273 -15.20 -21.64 -13.45
CA ILE B 273 -14.23 -20.95 -12.58
C ILE B 273 -14.16 -21.63 -11.21
N SER B 274 -12.95 -21.89 -10.73
CA SER B 274 -12.77 -22.51 -9.42
C SER B 274 -11.69 -21.84 -8.58
N GLY B 275 -12.00 -21.67 -7.30
CA GLY B 275 -11.07 -21.06 -6.36
C GLY B 275 -10.84 -21.93 -5.13
N GLU B 276 -10.32 -21.34 -4.06
CA GLU B 276 -10.05 -22.13 -2.87
C GLU B 276 -11.30 -22.50 -2.11
N LEU B 277 -12.26 -21.61 -2.01
CA LEU B 277 -13.47 -21.91 -1.25
C LEU B 277 -14.54 -22.68 -2.01
N GLY B 278 -14.33 -22.85 -3.30
CA GLY B 278 -15.30 -23.57 -4.09
C GLY B 278 -15.08 -23.41 -5.58
N GLU B 279 -16.13 -23.62 -6.35
CA GLU B 279 -16.08 -23.50 -7.80
C GLU B 279 -17.49 -23.31 -8.30
N THR B 280 -17.59 -22.84 -9.55
CA THR B 280 -18.89 -22.58 -10.16
C THR B 280 -19.39 -23.79 -10.89
N GLN B 281 -20.67 -23.77 -11.22
CA GLN B 281 -21.23 -24.87 -11.98
C GLN B 281 -20.62 -24.71 -13.38
N ILE B 282 -20.99 -25.57 -14.32
CA ILE B 282 -20.49 -25.41 -15.67
C ILE B 282 -21.36 -24.31 -16.25
N LEU B 283 -20.73 -23.23 -16.71
CA LEU B 283 -21.45 -22.09 -17.29
C LEU B 283 -21.50 -22.18 -18.80
N GLN B 284 -22.71 -22.14 -19.34
CA GLN B 284 -22.88 -22.22 -20.78
C GLN B 284 -22.91 -20.80 -21.37
N ILE B 285 -21.84 -20.45 -22.08
CA ILE B 285 -21.70 -19.13 -22.66
C ILE B 285 -22.41 -18.99 -24.00
N PRO B 286 -23.24 -17.94 -24.15
CA PRO B 286 -23.97 -17.70 -25.39
C PRO B 286 -23.01 -17.44 -26.53
N ARG B 287 -23.32 -17.98 -27.71
CA ARG B 287 -22.44 -17.79 -28.85
C ARG B 287 -22.31 -16.32 -29.12
N ASN B 288 -21.07 -15.87 -29.30
CA ASN B 288 -20.75 -14.48 -29.59
C ASN B 288 -20.83 -13.57 -28.36
N VAL B 289 -20.41 -14.15 -27.23
CA VAL B 289 -20.35 -13.46 -25.96
C VAL B 289 -18.97 -13.80 -25.42
N LEU B 290 -18.15 -12.78 -25.19
CA LEU B 290 -16.81 -13.01 -24.70
C LEU B 290 -16.58 -12.28 -23.40
N GLU B 291 -17.65 -11.68 -22.89
CA GLU B 291 -17.58 -10.95 -21.65
C GLU B 291 -18.93 -10.99 -20.97
N MET B 292 -18.95 -11.44 -19.72
CA MET B 292 -20.16 -11.52 -18.92
C MET B 292 -19.74 -11.56 -17.48
N THR B 293 -20.63 -11.05 -16.61
CA THR B 293 -20.40 -10.99 -15.18
C THR B 293 -21.39 -11.90 -14.51
N PHE B 294 -20.85 -12.92 -13.86
CA PHE B 294 -21.61 -13.95 -13.18
C PHE B 294 -21.52 -13.83 -11.66
N GLU B 295 -22.65 -13.99 -10.97
CA GLU B 295 -22.66 -13.92 -9.52
C GLU B 295 -22.84 -15.28 -8.87
N CYS B 296 -22.06 -15.56 -7.83
CA CYS B 296 -22.17 -16.83 -7.12
C CYS B 296 -21.46 -16.72 -5.78
N GLN B 297 -21.65 -17.71 -4.91
CA GLN B 297 -21.00 -17.74 -3.59
C GLN B 297 -19.51 -17.53 -3.69
N ASN B 298 -18.96 -16.78 -2.73
CA ASN B 298 -17.52 -16.48 -2.70
C ASN B 298 -16.64 -17.71 -2.99
N LEU B 299 -15.89 -17.65 -4.09
CA LEU B 299 -15.01 -18.74 -4.48
C LEU B 299 -13.61 -18.61 -3.86
N GLY B 300 -13.40 -17.54 -3.10
CA GLY B 300 -12.10 -17.33 -2.50
C GLY B 300 -11.07 -16.93 -3.55
N LYS B 301 -9.82 -17.34 -3.37
CA LYS B 301 -8.79 -16.99 -4.33
C LYS B 301 -8.96 -17.89 -5.52
N LEU B 302 -9.19 -17.30 -6.68
CA LEU B 302 -9.36 -18.07 -7.87
C LEU B 302 -8.08 -18.85 -8.10
N THR B 303 -8.26 -20.13 -8.47
CA THR B 303 -7.17 -21.07 -8.73
C THR B 303 -7.05 -21.53 -10.18
N THR B 304 -8.12 -22.11 -10.72
CA THR B 304 -8.12 -22.58 -12.10
C THR B 304 -9.41 -22.24 -12.81
N VAL B 305 -9.34 -22.30 -14.13
CA VAL B 305 -10.49 -22.04 -14.98
C VAL B 305 -10.43 -23.00 -16.15
N GLN B 306 -11.55 -23.66 -16.44
CA GLN B 306 -11.60 -24.58 -17.57
C GLN B 306 -12.65 -24.14 -18.57
N ILE B 307 -12.24 -24.09 -19.84
CA ILE B 307 -13.12 -23.70 -20.95
C ILE B 307 -13.11 -24.78 -22.03
N GLY B 308 -14.20 -24.81 -22.79
CA GLY B 308 -14.33 -25.75 -23.88
C GLY B 308 -15.58 -25.47 -24.71
N HIS B 309 -15.84 -26.30 -25.70
CA HIS B 309 -17.04 -26.17 -26.54
C HIS B 309 -17.52 -27.57 -26.88
N ASP B 310 -18.72 -27.65 -27.49
CA ASP B 310 -19.33 -28.93 -27.86
C ASP B 310 -18.94 -29.45 -29.22
N ASN B 311 -17.97 -28.83 -29.88
CA ASN B 311 -17.53 -29.27 -31.20
C ASN B 311 -18.64 -29.15 -32.27
N SER B 312 -19.71 -28.42 -31.98
CA SER B 312 -20.79 -28.26 -32.94
C SER B 312 -20.41 -27.27 -34.06
N GLY B 313 -21.20 -27.24 -35.13
CA GLY B 313 -20.92 -26.36 -36.25
C GLY B 313 -19.88 -26.87 -37.24
N LEU B 314 -19.58 -26.07 -38.25
CA LEU B 314 -18.61 -26.41 -39.27
C LEU B 314 -17.19 -26.15 -38.77
N TYR B 315 -16.92 -24.92 -38.35
CA TYR B 315 -15.59 -24.59 -37.85
C TYR B 315 -15.53 -24.54 -36.33
N ALA B 316 -15.37 -25.73 -35.72
CA ALA B 316 -15.30 -25.88 -34.27
C ALA B 316 -13.87 -25.89 -33.80
N LYS B 317 -13.13 -24.86 -34.21
CA LYS B 317 -11.72 -24.71 -33.82
C LYS B 317 -11.65 -23.34 -33.13
N TRP B 318 -11.21 -23.33 -31.89
CA TRP B 318 -11.11 -22.09 -31.13
C TRP B 318 -9.71 -21.88 -30.60
N LEU B 319 -9.23 -20.64 -30.69
CA LEU B 319 -7.92 -20.32 -30.19
C LEU B 319 -8.11 -19.15 -29.23
N VAL B 320 -8.00 -19.43 -27.94
CA VAL B 320 -8.18 -18.43 -26.92
C VAL B 320 -6.81 -18.13 -26.32
N GLU B 321 -6.44 -16.85 -26.27
CA GLU B 321 -5.16 -16.41 -25.73
C GLU B 321 -5.11 -16.46 -24.21
N CYS B 322 -6.18 -16.03 -23.56
CA CYS B 322 -6.22 -16.05 -22.11
C CYS B 322 -7.63 -15.76 -21.66
N VAL B 323 -7.94 -16.13 -20.43
CA VAL B 323 -9.24 -15.82 -19.86
C VAL B 323 -8.91 -14.95 -18.67
N MET B 324 -9.74 -13.93 -18.44
CA MET B 324 -9.53 -13.00 -17.34
C MET B 324 -10.76 -12.97 -16.46
N VAL B 325 -10.60 -13.29 -15.18
CA VAL B 325 -11.74 -13.25 -14.27
C VAL B 325 -11.45 -12.25 -13.18
N ARG B 326 -12.44 -11.42 -12.86
CA ARG B 326 -12.25 -10.41 -11.84
C ARG B 326 -13.33 -10.34 -10.81
N ASN B 327 -12.87 -10.22 -9.57
CA ASN B 327 -13.74 -10.11 -8.42
C ASN B 327 -14.24 -8.69 -8.48
N GLU B 328 -15.50 -8.50 -8.81
CA GLU B 328 -16.03 -7.15 -8.92
C GLU B 328 -16.15 -6.43 -7.58
N VAL B 329 -16.02 -7.16 -6.48
CA VAL B 329 -16.10 -6.51 -5.19
C VAL B 329 -14.72 -6.13 -4.66
N THR B 330 -13.72 -6.97 -4.89
CA THR B 330 -12.39 -6.66 -4.40
C THR B 330 -11.50 -6.07 -5.46
N GLY B 331 -11.87 -6.26 -6.72
CA GLY B 331 -11.06 -5.72 -7.78
C GLY B 331 -9.92 -6.66 -8.16
N HIS B 332 -9.74 -7.72 -7.39
CA HIS B 332 -8.69 -8.69 -7.67
C HIS B 332 -8.89 -9.22 -9.07
N THR B 333 -7.84 -9.19 -9.88
CA THR B 333 -7.90 -9.67 -11.25
C THR B 333 -6.93 -10.82 -11.52
N TYR B 334 -7.51 -11.96 -11.91
CA TYR B 334 -6.74 -13.17 -12.25
C TYR B 334 -6.62 -13.37 -13.76
N LYS B 335 -5.42 -13.71 -14.23
CA LYS B 335 -5.17 -13.98 -15.64
C LYS B 335 -5.05 -15.48 -15.76
N PHE B 336 -5.72 -16.06 -16.76
CA PHE B 336 -5.67 -17.51 -16.99
C PHE B 336 -5.10 -17.81 -18.37
N PRO B 337 -3.77 -17.86 -18.49
CA PRO B 337 -3.09 -18.13 -19.75
C PRO B 337 -3.58 -19.39 -20.45
N CYS B 338 -3.79 -19.30 -21.76
CA CYS B 338 -4.22 -20.46 -22.53
C CYS B 338 -3.27 -20.65 -23.70
N GLY B 339 -3.52 -19.92 -24.77
CA GLY B 339 -2.65 -20.00 -25.93
C GLY B 339 -2.65 -21.29 -26.73
N ARG B 340 -3.66 -22.13 -26.54
CA ARG B 340 -3.76 -23.39 -27.28
C ARG B 340 -5.11 -23.58 -27.90
N TRP B 341 -5.15 -24.40 -28.94
CA TRP B 341 -6.40 -24.62 -29.63
C TRP B 341 -7.42 -25.46 -28.88
N LEU B 342 -8.67 -25.30 -29.30
CA LEU B 342 -9.78 -26.05 -28.73
C LEU B 342 -10.59 -26.63 -29.87
N GLY B 343 -10.35 -27.90 -30.16
CA GLY B 343 -11.08 -28.54 -31.24
C GLY B 343 -10.33 -29.73 -31.80
N LYS B 344 -11.09 -30.69 -32.32
CA LYS B 344 -10.53 -31.91 -32.89
C LYS B 344 -9.70 -31.56 -34.11
N GLY B 345 -8.50 -32.12 -34.17
CA GLY B 345 -7.63 -31.87 -35.30
C GLY B 345 -6.47 -30.98 -34.94
N MET B 346 -6.76 -29.93 -34.20
CA MET B 346 -5.72 -28.99 -33.79
C MET B 346 -5.02 -29.47 -32.50
N ASP B 347 -3.77 -29.04 -32.31
CA ASP B 347 -3.00 -29.40 -31.11
C ASP B 347 -3.15 -30.88 -30.80
N ASP B 348 -3.41 -31.18 -29.54
CA ASP B 348 -3.56 -32.56 -29.12
C ASP B 348 -5.03 -32.95 -29.18
N GLY B 349 -5.80 -32.18 -29.94
CA GLY B 349 -7.20 -32.46 -30.13
C GLY B 349 -8.10 -32.43 -28.90
N SER B 350 -7.80 -31.50 -28.01
CA SER B 350 -8.58 -31.36 -26.78
C SER B 350 -9.79 -30.45 -27.01
N LEU B 351 -10.94 -30.82 -26.46
CA LEU B 351 -12.16 -30.02 -26.62
C LEU B 351 -12.47 -29.18 -25.39
N GLU B 352 -11.60 -29.30 -24.40
CA GLU B 352 -11.70 -28.59 -23.13
C GLU B 352 -10.28 -28.52 -22.60
N ARG B 353 -9.89 -27.37 -22.06
CA ARG B 353 -8.54 -27.24 -21.51
C ARG B 353 -8.62 -26.62 -20.13
N VAL B 354 -7.69 -27.00 -19.26
CA VAL B 354 -7.64 -26.47 -17.89
C VAL B 354 -6.59 -25.38 -17.79
N LEU B 355 -7.03 -24.23 -17.33
CA LEU B 355 -6.19 -23.06 -17.18
C LEU B 355 -5.85 -22.69 -15.74
N VAL B 356 -4.56 -22.50 -15.48
CA VAL B 356 -4.07 -22.15 -14.16
C VAL B 356 -3.95 -20.64 -14.03
N GLY B 357 -4.70 -20.09 -13.09
CA GLY B 357 -4.70 -18.65 -12.87
C GLY B 357 -3.60 -17.98 -12.07
N GLU B 358 -3.34 -16.74 -12.42
CA GLU B 358 -2.32 -15.94 -11.77
C GLU B 358 -2.93 -14.62 -11.31
N LEU B 359 -2.69 -14.26 -10.06
CA LEU B 359 -3.21 -12.99 -9.57
C LEU B 359 -2.34 -11.91 -10.17
N LEU B 360 -2.94 -10.92 -10.81
CA LEU B 360 -2.16 -9.86 -11.42
C LEU B 360 -1.86 -8.81 -10.35
N THR B 361 -0.67 -8.22 -10.42
CA THR B 361 -0.25 -7.21 -9.46
C THR B 361 -1.08 -5.92 -9.52
N SER B 362 -1.43 -5.40 -8.33
CA SER B 362 -2.25 -4.20 -8.23
C SER B 362 -1.68 -3.00 -8.98
N LEU B 363 -2.54 -2.34 -9.73
CA LEU B 363 -2.16 -1.16 -10.51
C LEU B 363 -3.41 -0.26 -10.67
N PRO B 364 -3.22 1.06 -10.73
CA PRO B 364 -1.91 1.72 -10.66
C PRO B 364 -1.61 2.27 -9.25
N GLU B 365 -0.73 3.27 -9.21
CA GLU B 365 -0.34 3.95 -7.97
C GLU B 365 -0.69 5.44 -8.10
N VAL B 366 -1.48 5.75 -9.13
CA VAL B 366 -1.92 7.13 -9.42
C VAL B 366 -3.14 7.51 -8.57
MG MG C . 15.61 3.09 7.30
PG GTP D . 16.19 -0.55 5.71
O1G GTP D . 15.45 0.60 5.18
O2G GTP D . 15.77 -1.74 4.90
O3G GTP D . 15.89 -0.82 7.18
O3B GTP D . 17.75 -0.18 5.47
PB GTP D . 18.53 0.94 6.35
O1B GTP D . 19.07 1.99 5.45
O2B GTP D . 17.60 1.52 7.40
O3A GTP D . 19.66 0.06 6.98
PA GTP D . 20.15 0.13 8.50
O1A GTP D . 20.80 1.43 8.78
O2A GTP D . 19.02 -0.15 9.52
O5' GTP D . 21.23 -0.96 8.43
C5' GTP D . 21.46 -1.75 9.57
C4' GTP D . 22.72 -2.54 9.38
O4' GTP D . 23.63 -1.83 8.54
C3' GTP D . 23.41 -2.84 10.68
O3' GTP D . 23.84 -4.20 10.74
C2' GTP D . 24.56 -1.85 10.71
O2' GTP D . 25.65 -2.29 11.49
C1' GTP D . 24.86 -1.66 9.23
N9 GTP D . 25.46 -0.30 9.06
C8 GTP D . 24.79 0.93 8.83
N7 GTP D . 25.72 1.93 8.73
C5 GTP D . 26.97 1.38 8.88
C6 GTP D . 28.30 1.90 8.87
O6 GTP D . 28.54 3.13 8.69
N1 GTP D . 29.38 1.01 9.07
C2 GTP D . 29.21 -0.35 9.27
N2 GTP D . 30.25 -1.18 9.46
N3 GTP D . 27.90 -0.86 9.28
C4 GTP D . 26.81 -0.02 9.10
#